data_8RHR
#
_entry.id   8RHR
#
_cell.length_a   54.850
_cell.length_b   54.850
_cell.length_c   228.580
_cell.angle_alpha   90.000
_cell.angle_beta   90.000
_cell.angle_gamma   120.000
#
_symmetry.space_group_name_H-M   'P 61 2 2'
#
loop_
_entity.id
_entity.type
_entity.pdbx_description
1 polymer 'Peptide deformylase'
2 non-polymer 'ZINC ION'
3 non-polymer 2-(5-bromo-1H-indol-3-yl)-N-hydroxyacetamide
4 non-polymer GLYCEROL
5 non-polymer 'DIMETHYL SULFOXIDE'
6 water water
#
_entity_poly.entity_id   1
_entity_poly.type   'polypeptide(L)'
_entity_poly.pdbx_seq_one_letter_code
;GHMSVLQVLHIPDERLRKVAKPVEEVNAEIQRIVDDMFETMYAEEGIGLAATQVDIHQRIIVIDVSENRDERLVLINPEL
LEKSGETGIEEGCLSIPEQRALVPRAEKVKIRALDRDGKPFELEADGLLAICIQHEMDHLVGKLFMDYLSPLKQQRIRQK
VEKLDRLKARA
;
_entity_poly.pdbx_strand_id   A
#
loop_
_chem_comp.id
_chem_comp.type
_chem_comp.name
_chem_comp.formula
BB4 non-polymer 2-(5-bromo-1H-indol-3-yl)-N-hydroxyacetamide 'C10 H9 Br N2 O2'
DMS non-polymer 'DIMETHYL SULFOXIDE' 'C2 H6 O S'
GOL non-polymer GLYCEROL 'C3 H8 O3'
ZN non-polymer 'ZINC ION' 'Zn 2'
#
# COMPACT_ATOMS: atom_id res chain seq x y z
N HIS A 2 14.19 8.62 14.39
CA HIS A 2 13.09 8.16 15.30
C HIS A 2 12.73 6.71 14.96
N MET A 3 12.71 5.84 15.97
CA MET A 3 12.35 4.44 15.78
C MET A 3 10.83 4.29 15.66
N SER A 4 10.37 3.69 14.57
CA SER A 4 8.95 3.60 14.34
C SER A 4 8.26 2.64 15.30
N VAL A 5 7.08 3.04 15.77
CA VAL A 5 6.20 2.17 16.57
C VAL A 5 4.91 1.83 15.83
N LEU A 6 4.85 2.12 14.54
CA LEU A 6 3.64 1.79 13.77
C LEU A 6 3.30 0.32 13.77
N GLN A 7 2.02 0.01 13.86
N GLN A 7 2.00 0.03 13.80
CA GLN A 7 1.51 -1.35 13.79
CA GLN A 7 1.43 -1.31 13.81
C GLN A 7 0.69 -1.51 12.52
C GLN A 7 0.67 -1.50 12.51
N VAL A 8 0.97 -2.59 11.79
CA VAL A 8 0.28 -2.89 10.52
C VAL A 8 -1.01 -3.63 10.82
N LEU A 9 -2.12 -3.04 10.39
CA LEU A 9 -3.42 -3.68 10.58
C LEU A 9 -3.59 -4.88 9.64
N HIS A 10 -4.34 -5.86 10.13
CA HIS A 10 -4.69 -7.03 9.35
C HIS A 10 -6.21 -7.11 9.13
N ILE A 11 -6.60 -7.65 7.98
CA ILE A 11 -8.02 -8.00 7.81
C ILE A 11 -8.45 -8.86 9.00
N PRO A 12 -9.69 -8.77 9.45
CA PRO A 12 -10.82 -8.00 8.92
C PRO A 12 -11.01 -6.67 9.62
N ASP A 13 -9.93 -6.01 10.01
CA ASP A 13 -10.06 -4.75 10.71
C ASP A 13 -10.71 -3.71 9.81
N GLU A 14 -11.81 -3.11 10.28
CA GLU A 14 -12.57 -2.20 9.42
C GLU A 14 -11.81 -0.89 9.13
N ARG A 15 -10.78 -0.55 9.90
CA ARG A 15 -10.04 0.65 9.58
C ARG A 15 -9.29 0.53 8.26
N LEU A 16 -9.06 -0.69 7.76
CA LEU A 16 -8.50 -0.88 6.42
C LEU A 16 -9.46 -0.46 5.31
N ARG A 17 -10.74 -0.23 5.62
CA ARG A 17 -11.73 0.24 4.65
C ARG A 17 -11.92 1.76 4.69
N LYS A 18 -11.19 2.45 5.56
CA LYS A 18 -11.34 3.89 5.67
C LYS A 18 -10.68 4.62 4.50
N VAL A 19 -11.31 5.69 4.05
CA VAL A 19 -10.84 6.48 2.92
C VAL A 19 -10.01 7.64 3.43
N ALA A 20 -8.75 7.70 3.03
CA ALA A 20 -7.85 8.67 3.61
C ALA A 20 -8.15 10.08 3.12
N LYS A 21 -7.87 11.08 4.00
CA LYS A 21 -7.97 12.48 3.64
C LYS A 21 -6.67 12.94 2.99
N PRO A 22 -6.73 13.93 2.11
CA PRO A 22 -5.49 14.50 1.59
C PRO A 22 -4.66 15.18 2.68
N VAL A 23 -3.35 15.11 2.51
CA VAL A 23 -2.45 15.85 3.38
C VAL A 23 -2.62 17.33 3.09
N GLU A 24 -2.75 18.13 4.16
CA GLU A 24 -2.98 19.56 4.01
C GLU A 24 -1.69 20.33 3.81
N GLU A 25 -0.60 19.89 4.42
CA GLU A 25 0.67 20.60 4.31
C GLU A 25 1.77 19.58 4.62
N VAL A 26 2.82 19.56 3.80
CA VAL A 26 3.91 18.62 4.04
C VAL A 26 4.91 19.30 4.96
N ASN A 27 4.80 19.01 6.26
CA ASN A 27 5.60 19.64 7.31
C ASN A 27 6.43 18.57 8.00
N ALA A 28 7.08 18.93 9.11
CA ALA A 28 7.95 17.97 9.77
C ALA A 28 7.18 16.75 10.29
N GLU A 29 5.96 16.96 10.76
CA GLU A 29 5.15 15.84 11.25
C GLU A 29 4.87 14.82 10.13
N ILE A 30 4.49 15.30 8.94
CA ILE A 30 4.28 14.39 7.82
C ILE A 30 5.58 13.70 7.46
N GLN A 31 6.69 14.42 7.50
CA GLN A 31 7.98 13.78 7.21
C GLN A 31 8.30 12.68 8.20
N ARG A 32 7.94 12.86 9.46
CA ARG A 32 8.18 11.81 10.45
C ARG A 32 7.33 10.59 10.15
N ILE A 33 6.06 10.80 9.77
CA ILE A 33 5.20 9.69 9.38
C ILE A 33 5.81 8.92 8.21
N VAL A 34 6.25 9.64 7.17
CA VAL A 34 6.91 9.00 6.04
C VAL A 34 8.06 8.14 6.51
N ASP A 35 8.93 8.72 7.34
CA ASP A 35 10.15 8.00 7.74
C ASP A 35 9.80 6.79 8.58
N ASP A 36 8.80 6.91 9.45
CA ASP A 36 8.36 5.76 10.25
C ASP A 36 7.75 4.68 9.36
N MET A 37 6.97 5.07 8.34
CA MET A 37 6.37 4.10 7.45
C MET A 37 7.45 3.34 6.69
N PHE A 38 8.53 4.03 6.25
CA PHE A 38 9.61 3.27 5.61
C PHE A 38 10.18 2.27 6.58
N GLU A 39 10.49 2.71 7.83
CA GLU A 39 11.09 1.79 8.78
C GLU A 39 10.21 0.58 8.99
N THR A 40 8.91 0.78 9.13
CA THR A 40 7.98 -0.33 9.31
C THR A 40 7.91 -1.23 8.07
N MET A 41 7.74 -0.63 6.90
CA MET A 41 7.82 -1.38 5.66
C MET A 41 9.02 -2.29 5.55
N TYR A 42 10.21 -1.73 5.75
CA TYR A 42 11.43 -2.51 5.64
C TYR A 42 11.49 -3.58 6.69
N ALA A 43 11.10 -3.26 7.92
CA ALA A 43 11.15 -4.25 9.00
C ALA A 43 10.25 -5.44 8.68
N GLU A 44 9.12 -5.20 8.04
CA GLU A 44 8.16 -6.26 7.70
C GLU A 44 8.41 -6.85 6.32
N GLU A 45 9.51 -6.44 5.69
CA GLU A 45 10.00 -7.02 4.45
C GLU A 45 9.03 -6.81 3.29
N GLY A 46 8.29 -5.66 3.32
CA GLY A 46 7.39 -5.25 2.26
C GLY A 46 8.05 -4.33 1.23
N ILE A 47 7.33 -4.14 0.12
CA ILE A 47 7.77 -3.24 -0.94
C ILE A 47 6.91 -1.99 -1.03
N GLY A 48 5.84 -1.92 -0.26
CA GLY A 48 5.02 -0.72 -0.21
C GLY A 48 4.24 -0.70 1.08
N LEU A 49 3.82 0.51 1.45
CA LEU A 49 2.94 0.67 2.63
C LEU A 49 2.13 1.93 2.45
N ALA A 50 0.85 1.84 2.71
CA ALA A 50 -0.07 2.98 2.69
C ALA A 50 -0.40 3.37 4.12
N ALA A 51 -0.61 4.67 4.32
CA ALA A 51 -0.84 5.13 5.69
C ALA A 51 -2.03 4.43 6.30
N THR A 52 -3.08 4.15 5.51
CA THR A 52 -4.25 3.43 6.01
C THR A 52 -3.88 2.14 6.71
N GLN A 53 -2.84 1.45 6.23
CA GLN A 53 -2.45 0.18 6.83
C GLN A 53 -1.88 0.34 8.22
N VAL A 54 -1.46 1.54 8.58
CA VAL A 54 -0.94 1.77 9.93
C VAL A 54 -1.83 2.74 10.71
N ASP A 55 -3.11 2.82 10.34
CA ASP A 55 -4.10 3.58 11.10
C ASP A 55 -3.87 5.09 11.03
N ILE A 56 -3.24 5.55 9.95
CA ILE A 56 -3.09 6.98 9.67
C ILE A 56 -3.94 7.30 8.43
N HIS A 57 -4.94 8.13 8.60
CA HIS A 57 -5.95 8.26 7.55
C HIS A 57 -5.68 9.50 6.70
N GLN A 58 -4.48 9.46 6.12
CA GLN A 58 -3.98 10.52 5.26
C GLN A 58 -3.37 9.88 4.01
N ARG A 59 -3.41 10.64 2.92
CA ARG A 59 -2.98 10.11 1.63
C ARG A 59 -1.47 10.14 1.49
N ILE A 60 -0.82 9.12 2.10
CA ILE A 60 0.65 8.96 2.14
C ILE A 60 0.96 7.51 1.82
N ILE A 61 1.85 7.30 0.86
CA ILE A 61 2.36 6.00 0.47
C ILE A 61 3.89 6.07 0.43
N VAL A 62 4.52 5.01 0.91
CA VAL A 62 5.95 4.78 0.71
C VAL A 62 6.13 3.48 -0.07
N ILE A 63 7.09 3.48 -0.97
CA ILE A 63 7.39 2.34 -1.85
C ILE A 63 8.89 2.18 -1.98
N ASP A 64 9.35 0.92 -2.02
CA ASP A 64 10.72 0.66 -2.45
C ASP A 64 10.72 -0.73 -3.06
N VAL A 65 10.83 -0.80 -4.38
CA VAL A 65 10.83 -2.09 -5.07
C VAL A 65 12.23 -2.61 -5.34
N SER A 66 13.27 -1.92 -4.84
CA SER A 66 14.65 -2.32 -5.10
C SER A 66 15.16 -3.41 -4.16
N GLU A 67 16.04 -4.28 -4.69
CA GLU A 67 16.59 -5.33 -3.85
C GLU A 67 17.43 -4.74 -2.73
N ASN A 68 18.15 -3.65 -3.00
CA ASN A 68 19.07 -3.15 -2.00
C ASN A 68 18.44 -2.13 -1.09
N ARG A 69 17.14 -1.85 -1.27
CA ARG A 69 16.39 -1.11 -0.27
C ARG A 69 16.92 0.30 -0.16
N ASP A 70 17.27 0.86 -1.31
CA ASP A 70 17.84 2.19 -1.37
C ASP A 70 17.21 3.03 -2.45
N GLU A 71 15.94 2.78 -2.80
CA GLU A 71 15.23 3.53 -3.86
C GLU A 71 13.87 3.93 -3.29
N ARG A 72 13.88 4.96 -2.46
CA ARG A 72 12.71 5.36 -1.68
C ARG A 72 11.79 6.26 -2.50
N LEU A 73 10.59 5.78 -2.76
CA LEU A 73 9.58 6.56 -3.46
C LEU A 73 8.52 6.97 -2.45
N VAL A 74 8.22 8.27 -2.39
CA VAL A 74 7.18 8.80 -1.53
C VAL A 74 6.09 9.37 -2.42
N LEU A 75 4.87 8.94 -2.16
CA LEU A 75 3.70 9.49 -2.87
C LEU A 75 2.74 10.11 -1.85
N ILE A 76 2.72 11.44 -1.77
CA ILE A 76 1.75 12.16 -0.96
C ILE A 76 0.70 12.76 -1.90
N ASN A 77 -0.57 12.58 -1.55
CA ASN A 77 -1.67 13.05 -2.39
C ASN A 77 -1.51 12.60 -3.86
N PRO A 78 -1.26 11.34 -4.10
CA PRO A 78 -1.08 10.91 -5.50
C PRO A 78 -2.35 11.03 -6.31
N GLU A 79 -2.14 11.27 -7.60
CA GLU A 79 -3.20 11.38 -8.58
C GLU A 79 -2.83 10.52 -9.77
N LEU A 80 -3.76 9.67 -10.20
CA LEU A 80 -3.56 8.87 -11.40
C LEU A 80 -3.94 9.71 -12.62
N LEU A 81 -2.97 9.97 -13.48
CA LEU A 81 -3.22 10.79 -14.67
C LEU A 81 -3.54 9.96 -15.91
N GLU A 82 -2.92 8.79 -16.06
CA GLU A 82 -3.09 7.97 -17.26
C GLU A 82 -2.74 6.54 -16.91
N LYS A 83 -3.33 5.59 -17.64
CA LYS A 83 -2.94 4.21 -17.47
C LYS A 83 -3.12 3.52 -18.81
N SER A 84 -2.39 2.42 -19.01
CA SER A 84 -2.57 1.65 -20.22
C SER A 84 -2.12 0.22 -20.01
N GLY A 85 -2.65 -0.63 -20.88
CA GLY A 85 -2.32 -2.03 -20.88
C GLY A 85 -2.91 -2.79 -19.71
N GLU A 86 -2.66 -4.08 -19.70
CA GLU A 86 -3.17 -4.93 -18.62
C GLU A 86 -2.12 -5.96 -18.27
N THR A 87 -2.11 -6.35 -17.02
CA THR A 87 -1.15 -7.31 -16.49
C THR A 87 -1.69 -7.87 -15.18
N GLY A 88 -0.91 -8.74 -14.58
CA GLY A 88 -1.17 -9.11 -13.22
C GLY A 88 -0.12 -10.08 -12.73
N ILE A 89 0.15 -10.00 -11.44
CA ILE A 89 0.99 -10.94 -10.73
C ILE A 89 0.19 -11.44 -9.53
N GLU A 90 0.71 -12.47 -8.87
CA GLU A 90 0.15 -12.97 -7.61
C GLU A 90 0.61 -12.03 -6.48
N GLU A 91 -0.23 -11.04 -6.19
CA GLU A 91 0.07 -10.02 -5.20
C GLU A 91 -0.12 -10.57 -3.81
N GLY A 92 0.68 -10.04 -2.89
CA GLY A 92 0.49 -10.21 -1.48
C GLY A 92 0.24 -8.88 -0.83
N CYS A 93 0.17 -8.86 0.51
CA CYS A 93 -0.12 -7.63 1.23
C CYS A 93 0.24 -7.87 2.67
N LEU A 94 0.95 -6.94 3.28
CA LEU A 94 1.27 -7.04 4.71
C LEU A 94 0.00 -7.14 5.56
N SER A 95 -1.13 -6.59 5.08
CA SER A 95 -2.38 -6.63 5.83
C SER A 95 -3.18 -7.91 5.57
N ILE A 96 -2.69 -8.77 4.68
CA ILE A 96 -3.33 -10.06 4.35
C ILE A 96 -2.22 -11.11 4.40
N PRO A 97 -1.68 -11.37 5.59
CA PRO A 97 -0.41 -12.12 5.67
C PRO A 97 -0.54 -13.52 5.07
N GLU A 98 0.50 -13.92 4.34
CA GLU A 98 0.71 -15.26 3.78
C GLU A 98 -0.29 -15.64 2.71
N GLN A 99 -1.08 -14.71 2.20
CA GLN A 99 -2.00 -14.98 1.11
C GLN A 99 -1.57 -14.25 -0.15
N ARG A 100 -1.70 -14.93 -1.28
CA ARG A 100 -1.41 -14.28 -2.54
C ARG A 100 -2.45 -14.66 -3.60
N ALA A 101 -2.67 -13.75 -4.55
CA ALA A 101 -3.60 -14.04 -5.63
C ALA A 101 -3.33 -13.12 -6.80
N LEU A 102 -3.56 -13.64 -8.01
CA LEU A 102 -3.47 -12.85 -9.22
C LEU A 102 -4.61 -11.83 -9.27
N VAL A 103 -4.27 -10.57 -9.49
N VAL A 103 -4.24 -10.58 -9.56
CA VAL A 103 -5.34 -9.58 -9.66
CA VAL A 103 -5.09 -9.39 -9.56
C VAL A 103 -5.01 -8.70 -10.86
C VAL A 103 -4.95 -8.70 -10.92
N PRO A 104 -6.02 -8.32 -11.63
CA PRO A 104 -5.79 -7.51 -12.83
C PRO A 104 -5.33 -6.10 -12.48
N ARG A 105 -4.37 -5.59 -13.24
CA ARG A 105 -3.83 -4.24 -13.03
C ARG A 105 -3.55 -3.62 -14.39
N ALA A 106 -3.43 -2.30 -14.43
CA ALA A 106 -2.85 -1.67 -15.61
C ALA A 106 -1.36 -1.99 -15.67
N GLU A 107 -0.84 -2.12 -16.91
CA GLU A 107 0.59 -2.40 -17.06
C GLU A 107 1.47 -1.16 -16.84
N LYS A 108 0.98 0.01 -17.24
CA LYS A 108 1.70 1.28 -17.16
C LYS A 108 0.81 2.31 -16.52
N VAL A 109 1.40 3.14 -15.66
CA VAL A 109 0.68 4.27 -15.09
C VAL A 109 1.54 5.53 -15.15
N LYS A 110 0.86 6.67 -15.22
CA LYS A 110 1.45 7.98 -15.06
C LYS A 110 0.77 8.61 -13.87
N ILE A 111 1.56 9.03 -12.87
CA ILE A 111 1.01 9.64 -11.68
C ILE A 111 1.68 10.99 -11.44
N ARG A 112 0.97 11.82 -10.68
CA ARG A 112 1.56 13.00 -10.04
C ARG A 112 1.37 12.88 -8.54
N ALA A 113 2.34 13.38 -7.78
CA ALA A 113 2.24 13.33 -6.34
C ALA A 113 3.14 14.40 -5.75
N LEU A 114 3.08 14.54 -4.45
CA LEU A 114 4.08 15.30 -3.72
C LEU A 114 5.12 14.36 -3.10
N ASP A 115 6.39 14.79 -3.14
CA ASP A 115 7.49 14.04 -2.54
C ASP A 115 7.65 14.39 -1.06
N ARG A 116 8.67 13.80 -0.41
CA ARG A 116 8.84 14.04 1.02
C ARG A 116 9.08 15.51 1.36
N ASP A 117 9.56 16.31 0.43
CA ASP A 117 9.76 17.75 0.65
C ASP A 117 8.52 18.57 0.31
N GLY A 118 7.42 17.92 -0.15
CA GLY A 118 6.26 18.67 -0.57
C GLY A 118 6.31 19.11 -2.00
N LYS A 119 7.33 18.69 -2.77
CA LYS A 119 7.48 19.15 -4.15
C LYS A 119 6.67 18.27 -5.08
N PRO A 120 5.84 18.82 -5.96
CA PRO A 120 5.15 17.98 -6.95
C PRO A 120 6.09 17.38 -7.96
N PHE A 121 5.78 16.15 -8.36
CA PHE A 121 6.56 15.46 -9.38
C PHE A 121 5.62 14.54 -10.14
N GLU A 122 6.04 14.17 -11.33
CA GLU A 122 5.36 13.21 -12.19
C GLU A 122 6.24 11.99 -12.39
N LEU A 123 5.61 10.84 -12.48
CA LEU A 123 6.34 9.59 -12.62
C LEU A 123 5.56 8.68 -13.57
N GLU A 124 6.25 8.16 -14.56
CA GLU A 124 5.76 7.09 -15.40
C GLU A 124 6.38 5.78 -14.95
N ALA A 125 5.54 4.79 -14.67
CA ALA A 125 6.00 3.51 -14.19
C ALA A 125 5.39 2.38 -14.99
N ASP A 126 6.11 1.26 -15.02
CA ASP A 126 5.66 0.03 -15.65
C ASP A 126 6.02 -1.14 -14.74
N GLY A 127 5.64 -2.33 -15.18
CA GLY A 127 6.11 -3.48 -14.46
C GLY A 127 5.65 -3.55 -13.02
N LEU A 128 6.53 -4.10 -12.18
CA LEU A 128 6.21 -4.25 -10.77
C LEU A 128 5.91 -2.90 -10.12
N LEU A 129 6.68 -1.86 -10.45
CA LEU A 129 6.43 -0.58 -9.80
C LEU A 129 5.01 -0.09 -10.10
N ALA A 130 4.55 -0.20 -11.34
CA ALA A 130 3.20 0.24 -11.66
C ALA A 130 2.17 -0.54 -10.86
N ILE A 131 2.36 -1.87 -10.73
CA ILE A 131 1.42 -2.72 -9.96
C ILE A 131 1.42 -2.27 -8.49
N CYS A 132 2.60 -2.03 -7.94
N CYS A 132 2.60 -2.03 -7.94
CA CYS A 132 2.68 -1.61 -6.54
CA CYS A 132 2.68 -1.56 -6.55
C CYS A 132 2.03 -0.23 -6.30
C CYS A 132 1.94 -0.25 -6.37
N ILE A 133 2.22 0.73 -7.23
CA ILE A 133 1.55 2.03 -7.13
C ILE A 133 0.03 1.85 -7.08
N GLN A 134 -0.51 0.99 -7.94
CA GLN A 134 -1.96 0.80 -7.99
C GLN A 134 -2.45 0.13 -6.71
N HIS A 135 -1.74 -0.88 -6.26
CA HIS A 135 -2.08 -1.56 -5.00
C HIS A 135 -2.08 -0.59 -3.83
N GLU A 136 -1.05 0.25 -3.72
CA GLU A 136 -0.97 1.17 -2.60
C GLU A 136 -2.01 2.28 -2.71
N MET A 137 -2.27 2.81 -3.91
CA MET A 137 -3.34 3.81 -4.05
C MET A 137 -4.71 3.22 -3.70
N ASP A 138 -4.93 1.94 -4.04
CA ASP A 138 -6.18 1.28 -3.61
C ASP A 138 -6.33 1.34 -2.09
N HIS A 139 -5.25 1.09 -1.32
CA HIS A 139 -5.36 1.12 0.13
C HIS A 139 -5.91 2.45 0.61
N LEU A 140 -5.54 3.54 -0.05
CA LEU A 140 -5.95 4.86 0.42
C LEU A 140 -7.44 5.11 0.21
N VAL A 141 -8.08 4.35 -0.67
CA VAL A 141 -9.54 4.40 -0.83
C VAL A 141 -10.22 3.17 -0.22
N GLY A 142 -9.53 2.48 0.71
CA GLY A 142 -10.16 1.39 1.45
C GLY A 142 -10.31 0.10 0.67
N LYS A 143 -9.56 -0.06 -0.41
N LYS A 143 -9.54 -0.09 -0.39
CA LYS A 143 -9.63 -1.23 -1.28
CA LYS A 143 -9.65 -1.24 -1.27
C LYS A 143 -8.42 -2.13 -1.03
C LYS A 143 -8.42 -2.13 -1.12
N LEU A 144 -8.66 -3.44 -1.09
CA LEU A 144 -7.66 -4.48 -0.87
C LEU A 144 -7.61 -5.39 -2.09
N PHE A 145 -6.48 -6.08 -2.27
CA PHE A 145 -6.34 -6.85 -3.50
C PHE A 145 -7.37 -7.95 -3.59
N MET A 146 -7.81 -8.47 -2.44
CA MET A 146 -8.79 -9.54 -2.43
C MET A 146 -10.15 -9.08 -2.98
N ASP A 147 -10.40 -7.76 -3.06
CA ASP A 147 -11.71 -7.26 -3.53
C ASP A 147 -11.94 -7.59 -5.01
N TYR A 148 -10.88 -7.96 -5.71
CA TYR A 148 -10.98 -8.30 -7.12
C TYR A 148 -11.29 -9.78 -7.37
N LEU A 149 -11.32 -10.58 -6.29
CA LEU A 149 -11.56 -12.02 -6.35
C LEU A 149 -13.05 -12.33 -6.10
N SER A 150 -13.44 -13.57 -6.35
CA SER A 150 -14.80 -13.99 -6.10
C SER A 150 -15.15 -13.84 -4.61
N PRO A 151 -16.43 -13.63 -4.29
CA PRO A 151 -16.80 -13.60 -2.88
C PRO A 151 -16.39 -14.84 -2.09
N LEU A 152 -16.46 -16.04 -2.68
CA LEU A 152 -15.99 -17.22 -1.93
C LEU A 152 -14.49 -17.14 -1.63
N LYS A 153 -13.70 -16.69 -2.60
CA LYS A 153 -12.27 -16.65 -2.36
C LYS A 153 -11.95 -15.63 -1.28
N GLN A 154 -12.70 -14.51 -1.25
CA GLN A 154 -12.49 -13.51 -0.21
C GLN A 154 -12.79 -14.10 1.17
N GLN A 155 -13.86 -14.87 1.28
CA GLN A 155 -14.20 -15.54 2.54
C GLN A 155 -13.09 -16.50 2.99
N ARG A 156 -12.57 -17.30 2.07
N ARG A 156 -12.56 -17.30 2.07
CA ARG A 156 -11.48 -18.20 2.43
CA ARG A 156 -11.47 -18.20 2.45
C ARG A 156 -10.25 -17.42 2.90
C ARG A 156 -10.24 -17.43 2.89
N ILE A 157 -9.95 -16.29 2.24
CA ILE A 157 -8.80 -15.50 2.65
C ILE A 157 -9.00 -14.97 4.07
N ARG A 158 -10.17 -14.40 4.35
CA ARG A 158 -10.44 -13.90 5.69
C ARG A 158 -10.22 -15.00 6.71
N GLN A 159 -10.78 -16.18 6.45
CA GLN A 159 -10.69 -17.26 7.41
C GLN A 159 -9.25 -17.68 7.67
N LYS A 160 -8.40 -17.68 6.63
CA LYS A 160 -7.02 -18.09 6.80
C LYS A 160 -6.22 -17.06 7.60
N VAL A 161 -6.43 -15.78 7.34
CA VAL A 161 -5.72 -14.75 8.08
C VAL A 161 -6.11 -14.78 9.54
N GLU A 162 -7.42 -14.91 9.83
CA GLU A 162 -7.89 -14.96 11.21
C GLU A 162 -7.28 -16.15 11.94
N LYS A 163 -7.17 -17.29 11.28
CA LYS A 163 -6.54 -18.45 11.91
C LYS A 163 -5.08 -18.16 12.22
N LEU A 164 -4.34 -17.64 11.24
CA LEU A 164 -2.96 -17.23 11.47
C LEU A 164 -2.88 -16.24 12.64
N ASP A 165 -3.82 -15.31 12.72
CA ASP A 165 -3.75 -14.30 13.77
C ASP A 165 -4.18 -14.84 15.13
N ARG A 166 -5.09 -15.81 15.18
CA ARG A 166 -5.36 -16.47 16.46
C ARG A 166 -4.10 -17.15 16.99
N LEU A 167 -3.44 -17.94 16.13
CA LEU A 167 -2.26 -18.70 16.55
C LEU A 167 -1.22 -17.81 17.21
N LYS A 168 -0.90 -16.67 16.59
CA LYS A 168 -0.01 -15.70 17.22
C LYS A 168 -0.53 -15.30 18.60
N ALA A 169 0.32 -15.47 19.60
CA ALA A 169 -0.09 -15.34 21.00
C ALA A 169 -1.27 -16.28 21.27
ZN ZN B . -1.19 -3.98 0.60
BR BB4 C . 1.89 -5.12 -5.36
N1 BB4 C . 0.96 -3.35 0.46
O2 BB4 C . 1.67 -4.38 2.34
N3 BB4 C . 3.72 -7.82 -0.44
C4 BB4 C . 3.67 -6.79 0.46
C5 BB4 C . 3.24 -5.66 -0.17
C6 BB4 C . 3.00 -6.02 -1.55
C7 BB4 C . 2.56 -5.32 -2.67
C8 BB4 C . 2.46 -6.05 -3.84
C9 BB4 C . 2.79 -7.39 -4.00
C10 BB4 C . 3.24 -8.08 -2.90
C11 BB4 C . 3.31 -7.40 -1.67
C12 BB4 C . 3.05 -4.31 0.40
C13 BB4 C . 1.82 -4.07 1.20
O14 BB4 C . 0.01 -2.55 1.01
HN1 BB4 C . 1.19 -3.11 -0.37
HN3 BB4 C . 3.97 -8.62 -0.24
H4 BB4 C . 3.91 -6.91 1.35
H7 BB4 C . 2.36 -4.41 -2.62
H9 BB4 C . 2.72 -7.81 -4.83
H10 BB4 C . 3.48 -8.98 -2.96
H12 BB4 C . 3.79 -4.09 0.98
H12A BB4 C . 3.05 -3.65 -0.30
HO14 BB4 C . 0.39 -1.80 1.15
C1 GOL D . -11.32 -4.97 6.17
O1 GOL D . -10.25 -5.72 6.65
C2 GOL D . -12.61 -5.86 6.21
O2 GOL D . -13.75 -5.09 5.85
C3 GOL D . -12.39 -7.09 5.27
O3 GOL D . -13.64 -7.39 4.72
H11 GOL D . -11.17 -4.67 5.27
H12 GOL D . -11.47 -4.17 6.70
HO1 GOL D . -9.92 -5.29 7.30
H2 GOL D . -12.75 -6.19 7.11
HO2 GOL D . -14.41 -5.62 5.77
H31 GOL D . -12.01 -7.82 5.79
H32 GOL D . -11.72 -6.87 4.61
HO3 GOL D . -13.52 -8.08 4.22
S DMS E . 16.83 16.24 3.50
O DMS E . 16.09 15.24 2.66
C1 DMS E . 15.96 17.82 3.45
C2 DMS E . 18.50 16.63 2.89
H11 DMS E . 16.64 18.60 3.70
H12 DMS E . 15.16 17.82 4.14
H13 DMS E . 15.58 17.99 2.48
H21 DMS E . 18.47 16.70 1.84
H22 DMS E . 19.17 15.86 3.18
H23 DMS E . 18.82 17.55 3.31
S DMS F . -17.02 -14.76 7.14
O DMS F . -17.54 -13.41 6.73
C1 DMS F . -16.42 -14.72 8.86
C2 DMS F . -15.41 -15.12 6.38
H11 DMS F . -17.19 -14.37 9.49
H12 DMS F . -15.59 -14.06 8.93
H13 DMS F . -16.13 -15.70 9.15
H21 DMS F . -14.64 -14.70 6.96
H22 DMS F . -15.38 -14.72 5.41
H23 DMS F . -15.27 -16.17 6.33
#